data_5QPS
#
_entry.id   5QPS
#
_cell.length_a   57.827
_cell.length_b   57.827
_cell.length_c   395.380
_cell.angle_alpha   90.000
_cell.angle_beta   90.000
_cell.angle_gamma   120.000
#
_symmetry.space_group_name_H-M   'P 61 2 2'
#
loop_
_entity.id
_entity.type
_entity.pdbx_description
1 polymer 'Farnesyl diphosphate synthase'
2 non-polymer 'SULFATE ION'
3 non-polymer 'ACETATE ION'
4 non-polymer 'ZINC ION'
5 non-polymer "~{N}'-(2-fluorophenyl)-1,2-oxazole-5-carbohydrazide"
6 water water
#
_entity_poly.entity_id   1
_entity_poly.type   'polypeptide(L)'
_entity_poly.pdbx_seq_one_letter_code
;GPMASMERFLSVYDEVQAFLLDQLQSKYEIDPNRARYLRIMMDTTCLGGKYFRGMTVVNVAEGFLAVTQHDEATKERILH
DACVGGWMIEFLQAHYLVEDDIMDGSVMRRGKPCWYRFPGVTTQCAINDGIILKSWTQIMAWHYFADRPFLKDLLCLFQK
VDYATAVGQMYDVTSMCDSNKLDPEVAQPMTTDFAEFTPAIYKRIVKYKTTFYTYLLPLVMGLLVSEAAASVEMNLVERV
AHLIGEYFQVQDDVMDCFTPPEQLGKVGTDIEDAKCSWLAVTFLGKANAAQVAEFKANYGEKDPAKVAVVKRLYSKANLQ
ADFAAYEAEVVREVESLIEQLKVKSPTFAESVAVVWEKTHKRKK
;
_entity_poly.pdbx_strand_id   A
#
loop_
_chem_comp.id
_chem_comp.type
_chem_comp.name
_chem_comp.formula
ACT non-polymer 'ACETATE ION' 'C2 H3 O2 -1'
LVP non-polymer ~{N}'-(2-fluorophenyl)-1,2-oxazole-5-carbohydrazide 'C10 H8 F N3 O2'
SO4 non-polymer 'SULFATE ION' 'O4 S -2'
ZN non-polymer 'ZINC ION' 'Zn 2'
#
# COMPACT_ATOMS: atom_id res chain seq x y z
N MET A 3 -22.97 13.70 9.99
CA MET A 3 -21.83 13.53 9.00
C MET A 3 -21.17 12.10 9.10
N ALA A 4 -21.49 11.20 8.14
CA ALA A 4 -20.87 9.84 8.03
C ALA A 4 -19.30 10.04 7.89
N SER A 5 -18.56 9.04 8.34
CA SER A 5 -17.09 9.13 8.38
C SER A 5 -16.47 9.30 7.05
N MET A 6 -17.00 8.57 6.08
CA MET A 6 -16.52 8.73 4.69
C MET A 6 -16.78 10.13 4.16
N GLU A 7 -17.99 10.64 4.38
CA GLU A 7 -18.31 11.96 3.93
C GLU A 7 -17.33 12.98 4.53
N ARG A 8 -17.10 12.87 5.82
CA ARG A 8 -16.17 13.78 6.45
C ARG A 8 -14.74 13.69 5.87
N PHE A 9 -14.32 12.46 5.61
CA PHE A 9 -13.03 12.24 4.96
C PHE A 9 -12.89 12.91 3.57
N LEU A 10 -13.87 12.69 2.74
CA LEU A 10 -13.97 13.30 1.42
C LEU A 10 -14.00 14.80 1.51
N SER A 11 -14.72 15.36 2.50
CA SER A 11 -14.79 16.84 2.67
C SER A 11 -13.45 17.46 2.94
N VAL A 12 -12.65 16.73 3.70
CA VAL A 12 -11.28 17.15 4.00
C VAL A 12 -10.35 17.15 2.80
N TYR A 13 -10.56 16.23 1.87
CA TYR A 13 -9.75 16.28 0.63
C TYR A 13 -10.01 17.59 -0.07
N ASP A 14 -11.29 17.97 -0.16
CA ASP A 14 -11.62 19.22 -0.81
C ASP A 14 -10.96 20.44 -0.15
N GLU A 15 -10.98 20.46 1.18
CA GLU A 15 -10.36 21.44 1.93
C GLU A 15 -8.85 21.49 1.69
N VAL A 16 -8.24 20.31 1.84
CA VAL A 16 -6.78 20.24 1.67
C VAL A 16 -6.38 20.69 0.23
N GLN A 17 -7.10 20.18 -0.76
CA GLN A 17 -6.89 20.61 -2.10
C GLN A 17 -6.96 22.10 -2.30
N ALA A 18 -7.99 22.72 -1.79
CA ALA A 18 -8.09 24.18 -1.87
C ALA A 18 -6.93 24.89 -1.18
N PHE A 19 -6.52 24.40 0.00
CA PHE A 19 -5.44 24.97 0.71
C PHE A 19 -4.13 24.91 -0.11
N LEU A 20 -3.85 23.75 -0.71
CA LEU A 20 -2.64 23.52 -1.38
C LEU A 20 -2.57 24.40 -2.65
N LEU A 21 -3.69 24.45 -3.39
CA LEU A 21 -3.75 25.25 -4.62
C LEU A 21 -3.70 26.73 -4.31
N ASP A 22 -4.31 27.15 -3.23
CA ASP A 22 -4.32 28.56 -2.85
C ASP A 22 -2.95 29.01 -2.42
N GLN A 23 -2.23 28.16 -1.70
CA GLN A 23 -0.86 28.42 -1.23
C GLN A 23 0.03 28.53 -2.46
N LEU A 24 -0.15 27.62 -3.43
CA LEU A 24 0.66 27.71 -4.67
C LEU A 24 0.52 29.11 -5.32
N GLN A 25 -0.70 29.64 -5.31
CA GLN A 25 -0.99 30.98 -5.83
C GLN A 25 -0.41 32.06 -4.96
N SER A 26 -0.54 31.98 -3.67
CA SER A 26 -0.10 33.14 -2.84
C SER A 26 1.37 33.11 -2.46
N LYS A 27 2.03 31.93 -2.44
CA LYS A 27 3.38 31.85 -2.00
C LYS A 27 4.37 31.35 -3.10
N TYR A 28 3.88 30.69 -4.15
CA TYR A 28 4.74 30.05 -5.19
C TYR A 28 4.56 30.59 -6.58
N GLU A 29 3.87 31.74 -6.68
CA GLU A 29 3.67 32.42 -7.92
C GLU A 29 3.02 31.62 -9.06
N ILE A 30 2.23 30.61 -8.69
CA ILE A 30 1.60 29.84 -9.71
C ILE A 30 0.55 30.59 -10.45
N ASP A 31 0.39 30.24 -11.71
CA ASP A 31 -0.62 30.75 -12.63
C ASP A 31 -1.85 29.82 -12.68
N PRO A 32 -3.00 30.36 -13.12
CA PRO A 32 -4.16 29.49 -13.06
C PRO A 32 -4.11 28.19 -13.87
N ASN A 33 -3.53 28.19 -15.06
CA ASN A 33 -3.49 27.01 -15.88
C ASN A 33 -2.64 25.85 -15.22
N ARG A 34 -1.52 26.24 -14.61
CA ARG A 34 -0.71 25.26 -13.89
C ARG A 34 -1.40 24.76 -12.64
N ALA A 35 -2.19 25.64 -12.01
CA ALA A 35 -2.95 25.25 -10.86
C ALA A 35 -3.98 24.26 -11.24
N ARG A 36 -4.67 24.49 -12.37
CA ARG A 36 -5.64 23.52 -12.90
C ARG A 36 -4.98 22.20 -13.23
N TYR A 37 -3.80 22.27 -13.83
CA TYR A 37 -3.10 21.02 -14.15
C TYR A 37 -2.86 20.18 -12.85
N LEU A 38 -2.40 20.85 -11.82
CA LEU A 38 -2.06 20.16 -10.58
C LEU A 38 -3.32 19.71 -9.84
N ARG A 39 -4.39 20.46 -10.01
CA ARG A 39 -5.67 20.04 -9.51
C ARG A 39 -6.14 18.75 -10.08
N ILE A 40 -6.14 18.72 -11.44
CA ILE A 40 -6.45 17.47 -12.11
C ILE A 40 -5.54 16.31 -11.79
N MET A 41 -4.23 16.60 -11.72
CA MET A 41 -3.25 15.62 -11.36
C MET A 41 -3.60 15.02 -9.96
N MET A 42 -3.91 15.89 -9.00
CA MET A 42 -4.15 15.44 -7.64
C MET A 42 -5.43 14.54 -7.68
N ASP A 43 -6.46 15.03 -8.36
CA ASP A 43 -7.72 14.21 -8.37
C ASP A 43 -7.49 12.86 -9.07
N THR A 44 -6.76 12.88 -10.15
CA THR A 44 -6.61 11.68 -10.95
C THR A 44 -5.74 10.64 -10.27
N THR A 45 -4.77 11.10 -9.50
CA THR A 45 -3.86 10.18 -8.86
C THR A 45 -4.27 9.78 -7.44
N CYS A 46 -5.01 10.63 -6.79
CA CYS A 46 -5.42 10.41 -5.38
C CYS A 46 -6.82 9.87 -5.14
N LEU A 47 -7.74 10.08 -6.10
CA LEU A 47 -9.11 9.68 -5.93
C LEU A 47 -9.43 8.48 -6.81
N GLY A 48 -10.39 7.75 -6.35
CA GLY A 48 -10.93 6.64 -7.16
C GLY A 48 -10.79 5.31 -6.52
N GLY A 49 -9.97 5.17 -5.47
CA GLY A 49 -9.85 3.93 -4.75
C GLY A 49 -10.85 3.85 -3.61
N LYS A 50 -10.62 2.93 -2.68
CA LYS A 50 -11.59 2.70 -1.63
C LYS A 50 -11.23 3.53 -0.35
N TYR A 51 -10.04 4.08 -0.37
CA TYR A 51 -9.50 4.91 0.74
C TYR A 51 -9.38 4.10 2.00
N PHE A 52 -9.10 2.82 1.86
CA PHE A 52 -8.90 1.93 3.00
C PHE A 52 -7.86 2.46 4.01
N ARG A 53 -6.77 2.98 3.48
CA ARG A 53 -5.69 3.37 4.34
C ARG A 53 -6.03 4.66 5.10
N GLY A 54 -6.50 5.63 4.36
CA GLY A 54 -6.93 6.86 5.02
C GLY A 54 -8.03 6.66 6.05
N MET A 55 -9.02 5.89 5.66
CA MET A 55 -10.18 5.69 6.50
C MET A 55 -9.80 4.86 7.71
N THR A 56 -8.75 4.02 7.69
CA THR A 56 -8.30 3.38 8.89
C THR A 56 -7.87 4.40 9.94
N VAL A 57 -7.22 5.49 9.54
CA VAL A 57 -6.84 6.49 10.51
C VAL A 57 -8.11 7.06 11.18
N VAL A 58 -9.07 7.43 10.37
CA VAL A 58 -10.36 7.96 10.85
C VAL A 58 -11.04 6.92 11.73
N ASN A 59 -11.17 5.67 11.30
CA ASN A 59 -11.81 4.61 12.16
C ASN A 59 -11.11 4.39 13.54
N VAL A 60 -9.80 4.41 13.61
CA VAL A 60 -9.08 4.26 14.85
C VAL A 60 -9.44 5.47 15.70
N ALA A 61 -9.35 6.69 15.14
CA ALA A 61 -9.68 7.86 15.94
C ALA A 61 -11.12 7.85 16.44
N GLU A 62 -12.07 7.45 15.58
CA GLU A 62 -13.46 7.36 16.02
C GLU A 62 -13.65 6.38 17.15
N GLY A 63 -12.93 5.24 17.17
CA GLY A 63 -13.00 4.29 18.29
C GLY A 63 -12.60 4.95 19.60
N PHE A 64 -11.54 5.73 19.60
CA PHE A 64 -11.09 6.36 20.83
C PHE A 64 -12.01 7.51 21.27
N LEU A 65 -12.60 8.19 20.31
CA LEU A 65 -13.54 9.28 20.59
C LEU A 65 -14.75 8.72 21.35
N ALA A 66 -15.20 7.52 21.02
CA ALA A 66 -16.36 6.95 21.69
C ALA A 66 -16.12 6.62 23.13
N VAL A 67 -14.88 6.54 23.55
CA VAL A 67 -14.61 6.19 24.96
C VAL A 67 -13.84 7.23 25.73
N THR A 68 -13.56 8.40 25.16
CA THR A 68 -12.65 9.38 25.76
C THR A 68 -13.39 10.68 25.91
N GLN A 69 -13.21 11.38 27.03
CA GLN A 69 -14.01 12.60 27.21
C GLN A 69 -13.32 13.81 26.62
N HIS A 70 -14.08 14.60 25.87
CA HIS A 70 -13.56 15.75 25.15
C HIS A 70 -14.70 16.75 24.98
N ASP A 71 -14.34 18.02 24.90
CA ASP A 71 -15.28 19.05 24.39
C ASP A 71 -15.59 18.70 22.93
N GLU A 72 -16.77 19.11 22.52
CA GLU A 72 -17.21 18.98 21.08
C GLU A 72 -16.18 19.54 20.11
N ALA A 73 -15.61 20.72 20.37
CA ALA A 73 -14.68 21.27 19.41
C ALA A 73 -13.39 20.42 19.33
N THR A 74 -13.05 19.78 20.44
CA THR A 74 -11.88 18.87 20.46
C THR A 74 -12.18 17.62 19.65
N LYS A 75 -13.39 17.13 19.77
CA LYS A 75 -13.81 15.97 18.98
C LYS A 75 -13.65 16.29 17.49
N GLU A 76 -14.08 17.46 17.09
CA GLU A 76 -14.00 17.86 15.70
C GLU A 76 -12.59 17.99 15.28
N ARG A 77 -11.74 18.56 16.12
CA ARG A 77 -10.38 18.77 15.77
C ARG A 77 -9.66 17.43 15.62
N ILE A 78 -9.94 16.46 16.48
CA ILE A 78 -9.30 15.17 16.37
C ILE A 78 -9.76 14.46 15.07
N LEU A 79 -11.04 14.48 14.77
CA LEU A 79 -11.56 13.88 13.53
C LEU A 79 -10.93 14.57 12.33
N HIS A 80 -10.83 15.88 12.41
CA HIS A 80 -10.15 16.64 11.32
C HIS A 80 -8.74 16.21 11.13
N ASP A 81 -7.99 16.13 12.22
CA ASP A 81 -6.63 15.67 12.18
C ASP A 81 -6.55 14.27 11.59
N ALA A 82 -7.42 13.38 12.01
CA ALA A 82 -7.39 11.99 11.48
C ALA A 82 -7.60 12.02 9.98
N CYS A 83 -8.51 12.87 9.50
CA CYS A 83 -8.77 12.95 8.04
C CYS A 83 -7.52 13.50 7.33
N VAL A 84 -6.87 14.56 7.87
CA VAL A 84 -5.70 15.09 7.23
C VAL A 84 -4.58 14.02 7.20
N GLY A 85 -4.40 13.36 8.30
CA GLY A 85 -3.45 12.27 8.40
C GLY A 85 -3.74 11.13 7.41
N GLY A 86 -5.01 10.79 7.29
CA GLY A 86 -5.47 9.81 6.33
C GLY A 86 -5.07 10.24 4.94
N TRP A 87 -5.29 11.53 4.62
CA TRP A 87 -4.93 12.02 3.26
C TRP A 87 -3.40 12.03 3.08
N MET A 88 -2.66 12.23 4.12
CA MET A 88 -1.20 12.14 3.95
C MET A 88 -0.83 10.73 3.42
N ILE A 89 -1.46 9.72 3.98
CA ILE A 89 -1.23 8.32 3.57
C ILE A 89 -1.71 8.08 2.11
N GLU A 90 -2.88 8.55 1.79
CA GLU A 90 -3.39 8.39 0.45
C GLU A 90 -2.45 9.09 -0.53
N PHE A 91 -1.98 10.28 -0.21
CA PHE A 91 -1.05 10.99 -1.11
C PHE A 91 0.31 10.28 -1.21
N LEU A 92 0.76 9.71 -0.14
CA LEU A 92 2.00 8.93 -0.16
C LEU A 92 1.83 7.68 -1.02
N GLN A 93 0.67 7.04 -0.95
CA GLN A 93 0.33 5.97 -1.89
C GLN A 93 0.30 6.51 -3.31
N ALA A 94 -0.39 7.63 -3.58
CA ALA A 94 -0.51 8.19 -4.94
C ALA A 94 0.91 8.39 -5.56
N HIS A 95 1.81 8.91 -4.75
CA HIS A 95 3.19 9.03 -5.12
C HIS A 95 3.79 7.75 -5.63
N TYR A 96 3.68 6.69 -4.82
CA TYR A 96 4.27 5.42 -5.16
C TYR A 96 3.59 4.80 -6.35
N LEU A 97 2.27 4.96 -6.47
CA LEU A 97 1.63 4.40 -7.65
C LEU A 97 2.04 5.08 -8.93
N VAL A 98 2.14 6.41 -8.96
CA VAL A 98 2.53 7.14 -10.16
C VAL A 98 3.95 6.68 -10.58
N GLU A 99 4.90 6.68 -9.63
CA GLU A 99 6.24 6.35 -9.92
C GLU A 99 6.37 4.87 -10.34
N ASP A 100 5.71 3.98 -9.62
CA ASP A 100 5.76 2.53 -9.93
C ASP A 100 5.14 2.19 -11.28
N ASP A 101 4.07 2.88 -11.66
CA ASP A 101 3.48 2.71 -13.01
C ASP A 101 4.51 3.11 -14.08
N ILE A 102 5.21 4.21 -13.88
CA ILE A 102 6.27 4.60 -14.79
C ILE A 102 7.39 3.57 -14.79
N MET A 103 7.89 3.20 -13.61
CA MET A 103 9.00 2.24 -13.49
C MET A 103 8.68 0.97 -14.25
N ASP A 104 7.46 0.47 -14.09
CA ASP A 104 7.05 -0.89 -14.62
C ASP A 104 6.53 -0.85 -16.02
N GLY A 105 6.35 0.31 -16.58
CA GLY A 105 5.69 0.46 -17.86
C GLY A 105 4.27 -0.02 -17.84
N SER A 106 3.54 0.30 -16.78
CA SER A 106 2.18 -0.08 -16.68
C SER A 106 1.27 0.67 -17.58
N VAL A 107 0.19 0.02 -17.95
CA VAL A 107 -0.74 0.63 -18.90
C VAL A 107 -1.97 1.25 -18.27
N MET A 108 -2.62 0.53 -17.37
CA MET A 108 -3.82 0.91 -16.74
C MET A 108 -3.70 0.83 -15.26
N ARG A 109 -4.43 1.72 -14.62
CA ARG A 109 -4.70 1.60 -13.19
C ARG A 109 -6.14 2.01 -12.87
N ARG A 110 -6.87 1.18 -12.15
CA ARG A 110 -8.27 1.47 -11.77
C ARG A 110 -9.11 1.72 -13.01
N GLY A 111 -8.91 0.89 -14.04
CA GLY A 111 -9.64 1.03 -15.31
C GLY A 111 -9.41 2.28 -16.11
N LYS A 112 -8.42 3.11 -15.75
CA LYS A 112 -8.08 4.30 -16.55
C LYS A 112 -6.57 4.22 -16.86
N PRO A 113 -6.08 4.99 -17.83
CA PRO A 113 -4.67 4.95 -18.13
C PRO A 113 -3.86 5.41 -16.96
N CYS A 114 -2.69 4.86 -16.82
CA CYS A 114 -1.75 5.38 -15.79
C CYS A 114 -1.49 6.85 -16.11
N TRP A 115 -1.17 7.64 -15.09
CA TRP A 115 -1.07 9.06 -15.23
C TRP A 115 -0.04 9.51 -16.25
N TYR A 116 1.11 8.85 -16.27
CA TYR A 116 2.12 9.23 -17.18
C TYR A 116 1.72 9.11 -18.70
N ARG A 117 0.74 8.22 -18.91
CA ARG A 117 0.23 7.96 -20.28
C ARG A 117 -0.73 9.00 -20.77
N PHE A 118 -1.22 9.90 -19.92
CA PHE A 118 -2.17 10.95 -20.35
C PHE A 118 -1.47 11.80 -21.40
N PRO A 119 -2.17 12.22 -22.46
CA PRO A 119 -1.41 12.83 -23.59
C PRO A 119 -0.62 14.12 -23.24
N GLY A 120 -1.20 14.93 -22.36
CA GLY A 120 -0.61 16.17 -21.94
C GLY A 120 0.25 16.06 -20.66
N VAL A 121 0.56 14.86 -20.27
CA VAL A 121 1.37 14.58 -19.07
C VAL A 121 2.76 14.22 -19.53
N THR A 122 2.95 13.01 -20.06
CA THR A 122 4.24 12.42 -20.42
C THR A 122 5.09 12.08 -19.20
N THR A 123 5.99 11.14 -19.41
CA THR A 123 6.87 10.73 -18.36
C THR A 123 7.68 11.90 -17.79
N GLN A 124 8.16 12.79 -18.66
CA GLN A 124 8.96 13.93 -18.20
C GLN A 124 8.22 14.71 -17.13
N CYS A 125 6.92 14.89 -17.27
CA CYS A 125 6.14 15.56 -16.21
C CYS A 125 5.72 14.64 -15.12
N ALA A 126 5.27 13.44 -15.43
CA ALA A 126 4.75 12.57 -14.41
C ALA A 126 5.72 12.17 -13.31
N ILE A 127 7.03 12.05 -13.63
CA ILE A 127 8.00 11.74 -12.57
C ILE A 127 7.95 12.86 -11.54
N ASN A 128 7.90 14.09 -12.04
CA ASN A 128 7.93 15.25 -11.14
C ASN A 128 6.59 15.43 -10.45
N ASP A 129 5.48 15.04 -11.10
CA ASP A 129 4.20 15.08 -10.48
C ASP A 129 4.11 14.17 -9.31
N GLY A 130 4.75 12.97 -9.46
CA GLY A 130 4.87 12.09 -8.34
C GLY A 130 5.66 12.62 -7.17
N ILE A 131 6.74 13.31 -7.47
CA ILE A 131 7.54 13.97 -6.40
C ILE A 131 6.67 15.01 -5.66
N ILE A 132 5.93 15.79 -6.41
CA ILE A 132 4.99 16.76 -5.81
C ILE A 132 4.04 16.12 -4.89
N LEU A 133 3.46 15.01 -5.32
CA LEU A 133 2.47 14.29 -4.50
C LEU A 133 3.00 14.00 -3.14
N LYS A 134 4.22 13.51 -3.05
CA LYS A 134 4.75 13.21 -1.71
C LYS A 134 5.08 14.54 -0.98
N SER A 135 5.58 15.52 -1.67
CA SER A 135 5.89 16.83 -1.03
C SER A 135 4.67 17.39 -0.41
N TRP A 136 3.51 17.21 -1.05
CA TRP A 136 2.22 17.66 -0.49
C TRP A 136 1.90 17.07 0.91
N THR A 137 2.34 15.83 1.15
CA THR A 137 2.09 15.15 2.40
C THR A 137 2.74 16.04 3.51
N GLN A 138 3.95 16.52 3.25
CA GLN A 138 4.64 17.31 4.23
C GLN A 138 4.06 18.68 4.39
N ILE A 139 3.67 19.27 3.29
CA ILE A 139 3.07 20.60 3.33
C ILE A 139 1.78 20.52 4.19
N MET A 140 0.99 19.45 4.03
CA MET A 140 -0.23 19.24 4.80
C MET A 140 0.10 19.11 6.27
N ALA A 141 1.12 18.30 6.57
CA ALA A 141 1.45 18.03 7.93
C ALA A 141 1.90 19.34 8.66
N TRP A 142 2.81 20.08 8.07
CA TRP A 142 3.31 21.29 8.72
C TRP A 142 2.26 22.31 8.87
N HIS A 143 1.34 22.40 7.93
CA HIS A 143 0.25 23.37 8.07
C HIS A 143 -0.79 22.98 9.08
N TYR A 144 -1.40 21.80 8.94
CA TYR A 144 -2.50 21.38 9.82
C TYR A 144 -2.02 21.05 11.21
N PHE A 145 -0.78 20.57 11.34
CA PHE A 145 -0.30 20.03 12.62
C PHE A 145 0.76 20.85 13.34
N ALA A 146 0.90 22.10 12.91
CA ALA A 146 2.01 22.97 13.30
C ALA A 146 2.25 22.97 14.82
N ASP A 147 1.18 23.06 15.56
CA ASP A 147 1.41 23.17 16.99
C ASP A 147 1.04 21.90 17.73
N ARG A 148 0.77 20.82 17.01
CA ARG A 148 0.25 19.61 17.70
C ARG A 148 1.33 18.91 18.43
N PRO A 149 0.98 18.30 19.59
CA PRO A 149 2.09 17.69 20.37
C PRO A 149 2.61 16.43 19.68
N PHE A 150 1.82 15.89 18.77
CA PHE A 150 2.17 14.65 18.04
C PHE A 150 2.96 14.87 16.79
N LEU A 151 3.27 16.12 16.45
CA LEU A 151 3.89 16.39 15.09
C LEU A 151 5.22 15.69 14.92
N LYS A 152 6.08 15.79 15.93
CA LYS A 152 7.40 15.15 15.87
C LYS A 152 7.24 13.67 15.61
N ASP A 153 6.50 13.02 16.48
CA ASP A 153 6.34 11.56 16.35
C ASP A 153 5.72 11.13 15.00
N LEU A 154 4.74 11.91 14.55
CA LEU A 154 4.05 11.67 13.26
C LEU A 154 5.03 11.81 12.09
N LEU A 155 5.82 12.88 12.08
CA LEU A 155 6.79 13.07 11.01
C LEU A 155 7.84 12.03 10.96
N CYS A 156 8.32 11.62 12.14
CA CYS A 156 9.42 10.62 12.28
C CYS A 156 8.90 9.24 11.76
N LEU A 157 7.68 8.90 12.13
CA LEU A 157 7.05 7.63 11.69
C LEU A 157 6.86 7.66 10.19
N PHE A 158 6.28 8.79 9.70
CA PHE A 158 5.95 8.93 8.30
C PHE A 158 7.21 8.69 7.47
N GLN A 159 8.26 9.39 7.83
N GLN A 159 8.33 9.33 7.84
CA GLN A 159 9.59 9.27 7.35
CA GLN A 159 9.57 9.19 7.07
C GLN A 159 10.09 7.82 7.18
C GLN A 159 10.10 7.75 7.11
N LYS A 160 10.04 7.10 8.28
CA LYS A 160 10.50 5.68 8.37
C LYS A 160 9.69 4.80 7.48
N VAL A 161 8.37 5.05 7.45
CA VAL A 161 7.50 4.25 6.62
C VAL A 161 7.83 4.48 5.13
N ASP A 162 7.95 5.76 4.76
CA ASP A 162 8.27 6.11 3.38
C ASP A 162 9.56 5.44 2.99
N TYR A 163 10.61 5.49 3.83
CA TYR A 163 11.83 4.85 3.46
C TYR A 163 11.72 3.32 3.34
N ALA A 164 10.98 2.72 4.29
CA ALA A 164 10.70 1.28 4.25
C ALA A 164 10.06 0.93 2.91
N THR A 165 9.15 1.76 2.44
CA THR A 165 8.39 1.51 1.21
C THR A 165 9.36 1.56 -0.01
N ALA A 166 10.23 2.52 -0.03
CA ALA A 166 11.21 2.62 -1.10
C ALA A 166 12.13 1.46 -1.10
N VAL A 167 12.59 1.04 0.07
CA VAL A 167 13.49 -0.14 0.19
C VAL A 167 12.72 -1.38 -0.31
N GLY A 168 11.43 -1.51 0.07
CA GLY A 168 10.61 -2.56 -0.41
C GLY A 168 10.43 -2.58 -1.91
N GLN A 169 10.33 -1.41 -2.53
CA GLN A 169 10.35 -1.30 -4.01
C GLN A 169 11.67 -1.83 -4.58
N MET A 170 12.78 -1.46 -3.96
CA MET A 170 14.09 -1.99 -4.36
C MET A 170 14.03 -3.54 -4.29
N TYR A 171 13.47 -4.11 -3.23
CA TYR A 171 13.44 -5.60 -3.04
C TYR A 171 12.50 -6.21 -4.13
N ASP A 172 11.39 -5.53 -4.44
CA ASP A 172 10.42 -6.02 -5.42
C ASP A 172 10.99 -6.04 -6.84
N VAL A 173 11.59 -4.94 -7.21
CA VAL A 173 12.06 -4.77 -8.63
C VAL A 173 13.27 -5.66 -8.90
N THR A 174 14.03 -5.99 -7.87
CA THR A 174 15.17 -6.92 -7.95
C THR A 174 14.84 -8.40 -7.62
N SER A 175 13.56 -8.74 -7.42
CA SER A 175 13.20 -10.04 -6.82
C SER A 175 13.41 -11.22 -7.84
N MET A 176 13.60 -10.89 -9.11
CA MET A 176 13.76 -11.92 -10.14
C MET A 176 15.26 -12.02 -10.57
N CYS A 177 16.14 -11.28 -9.91
CA CYS A 177 17.55 -11.30 -10.23
C CYS A 177 18.20 -12.21 -9.21
N ASP A 178 19.35 -12.72 -9.53
CA ASP A 178 20.10 -13.41 -8.49
C ASP A 178 20.88 -12.41 -7.68
N SER A 179 20.80 -12.46 -6.36
CA SER A 179 21.43 -11.46 -5.52
C SER A 179 22.93 -11.33 -5.76
N ASN A 180 23.62 -12.47 -5.94
CA ASN A 180 25.08 -12.44 -6.04
C ASN A 180 25.51 -11.86 -7.42
N LYS A 181 24.57 -11.62 -8.34
CA LYS A 181 24.89 -10.99 -9.61
C LYS A 181 24.49 -9.50 -9.68
N LEU A 182 23.77 -8.95 -8.69
CA LEU A 182 23.45 -7.52 -8.70
C LEU A 182 24.69 -6.66 -8.82
N ASP A 183 24.68 -5.76 -9.79
CA ASP A 183 25.85 -4.98 -10.07
C ASP A 183 25.46 -3.85 -11.03
N PRO A 184 25.57 -2.61 -10.58
CA PRO A 184 25.14 -1.55 -11.50
C PRO A 184 25.82 -1.53 -12.83
N GLU A 185 27.06 -2.06 -12.88
CA GLU A 185 27.76 -2.11 -14.15
C GLU A 185 27.31 -3.14 -15.13
N VAL A 186 26.53 -4.13 -14.69
CA VAL A 186 26.23 -5.36 -15.52
C VAL A 186 24.75 -5.55 -15.68
N ALA A 187 24.29 -5.67 -16.91
CA ALA A 187 22.90 -5.90 -17.12
C ALA A 187 22.45 -7.17 -16.40
N GLN A 188 21.29 -7.11 -15.79
CA GLN A 188 20.83 -8.16 -14.91
C GLN A 188 20.00 -9.21 -15.59
N PRO A 189 20.53 -10.47 -15.58
CA PRO A 189 19.72 -11.56 -16.09
C PRO A 189 18.69 -11.97 -15.06
N MET A 190 17.58 -12.43 -15.53
CA MET A 190 16.57 -13.08 -14.70
C MET A 190 17.15 -14.35 -14.14
N THR A 191 16.78 -14.71 -12.93
CA THR A 191 17.17 -15.93 -12.31
C THR A 191 16.90 -17.14 -13.24
N THR A 192 17.83 -18.08 -13.25
CA THR A 192 17.59 -19.38 -13.92
C THR A 192 17.13 -20.43 -12.84
N ASP A 193 17.65 -20.35 -11.63
CA ASP A 193 17.34 -21.37 -10.57
C ASP A 193 16.15 -21.11 -9.69
N PHE A 194 15.69 -19.86 -9.62
CA PHE A 194 14.55 -19.47 -8.80
C PHE A 194 14.80 -19.86 -7.33
N ALA A 195 16.06 -19.90 -6.92
CA ALA A 195 16.43 -20.26 -5.55
C ALA A 195 16.00 -19.19 -4.54
N GLU A 196 15.82 -17.94 -5.02
CA GLU A 196 15.36 -16.87 -4.15
C GLU A 196 13.87 -16.70 -4.14
N PHE A 197 13.13 -17.66 -4.71
CA PHE A 197 11.71 -17.64 -4.59
C PHE A 197 11.33 -18.49 -3.39
N THR A 198 11.53 -17.95 -2.17
CA THR A 198 11.19 -18.66 -0.94
C THR A 198 10.15 -17.90 -0.13
N PRO A 199 9.54 -18.53 0.85
CA PRO A 199 8.55 -17.82 1.68
C PRO A 199 9.29 -16.70 2.43
N ALA A 200 10.47 -16.95 2.97
CA ALA A 200 11.17 -15.88 3.72
C ALA A 200 11.51 -14.67 2.86
N ILE A 201 11.94 -14.87 1.61
CA ILE A 201 12.32 -13.78 0.76
C ILE A 201 11.06 -13.05 0.35
N TYR A 202 9.99 -13.80 0.02
CA TYR A 202 8.76 -13.20 -0.32
C TYR A 202 8.27 -12.27 0.87
N LYS A 203 8.30 -12.80 2.08
CA LYS A 203 7.90 -12.07 3.29
C LYS A 203 8.69 -10.74 3.39
N ARG A 204 9.98 -10.77 3.16
CA ARG A 204 10.78 -9.56 3.19
C ARG A 204 10.32 -8.52 2.18
N ILE A 205 10.06 -8.94 0.94
CA ILE A 205 9.59 -8.01 -0.12
C ILE A 205 8.30 -7.34 0.31
N VAL A 206 7.37 -8.17 0.79
CA VAL A 206 6.04 -7.67 1.08
C VAL A 206 5.99 -6.84 2.37
N LYS A 207 6.76 -7.25 3.37
CA LYS A 207 6.81 -6.50 4.64
C LYS A 207 7.14 -5.00 4.36
N TYR A 208 8.19 -4.80 3.55
CA TYR A 208 8.67 -3.41 3.27
C TYR A 208 7.88 -2.74 2.21
N LYS A 209 7.59 -3.43 1.13
CA LYS A 209 6.86 -2.70 0.02
C LYS A 209 5.44 -2.25 0.25
N THR A 210 4.70 -2.97 1.09
CA THR A 210 3.33 -2.61 1.32
C THR A 210 2.88 -2.52 2.77
N THR A 211 3.33 -3.42 3.62
CA THR A 211 2.75 -3.49 4.99
C THR A 211 2.94 -2.29 5.86
N PHE A 212 4.09 -1.65 5.72
CA PHE A 212 4.35 -0.46 6.48
C PHE A 212 3.44 0.68 6.10
N TYR A 213 3.24 0.94 4.82
CA TYR A 213 2.36 2.05 4.46
C TYR A 213 0.86 1.71 4.44
N THR A 214 0.52 0.43 4.30
CA THR A 214 -0.88 0.07 4.15
C THR A 214 -1.52 -0.20 5.48
N TYR A 215 -0.78 -0.79 6.40
CA TYR A 215 -1.34 -1.20 7.71
C TYR A 215 -0.63 -0.56 8.90
N LEU A 216 0.67 -0.56 8.97
CA LEU A 216 1.30 0.00 10.15
C LEU A 216 1.06 1.51 10.28
N LEU A 217 1.25 2.24 9.19
CA LEU A 217 1.14 3.72 9.29
C LEU A 217 -0.27 4.18 9.58
N PRO A 218 -1.31 3.62 8.95
CA PRO A 218 -2.65 4.09 9.34
C PRO A 218 -3.04 3.76 10.77
N LEU A 219 -2.68 2.56 11.24
CA LEU A 219 -3.01 2.22 12.61
C LEU A 219 -2.27 3.17 13.58
N VAL A 220 -0.99 3.37 13.39
CA VAL A 220 -0.19 4.18 14.35
C VAL A 220 -0.55 5.65 14.20
N MET A 221 -0.88 6.10 12.99
CA MET A 221 -1.33 7.49 12.87
C MET A 221 -2.60 7.73 13.59
N GLY A 222 -3.49 6.74 13.53
CA GLY A 222 -4.77 6.87 14.30
C GLY A 222 -4.51 7.00 15.80
N LEU A 223 -3.52 6.23 16.31
CA LEU A 223 -3.06 6.31 17.73
C LEU A 223 -2.49 7.70 17.99
N LEU A 224 -1.67 8.24 17.07
CA LEU A 224 -0.98 9.50 17.31
C LEU A 224 -1.91 10.66 17.34
N VAL A 225 -2.88 10.69 16.41
CA VAL A 225 -3.81 11.85 16.34
C VAL A 225 -4.79 11.78 17.55
N SER A 226 -4.93 10.62 18.11
CA SER A 226 -5.78 10.41 19.29
C SER A 226 -5.01 10.62 20.61
N GLU A 227 -3.72 10.86 20.55
CA GLU A 227 -2.86 10.91 21.77
C GLU A 227 -2.99 9.68 22.58
N ALA A 228 -2.93 8.53 21.90
CA ALA A 228 -3.24 7.27 22.54
C ALA A 228 -2.13 6.26 22.39
N ALA A 229 -0.94 6.64 21.95
CA ALA A 229 0.07 5.61 21.72
C ALA A 229 0.39 4.81 23.01
N ALA A 230 0.06 5.36 24.20
CA ALA A 230 0.16 4.57 25.48
C ALA A 230 -0.97 3.53 25.78
N SER A 231 -2.06 3.56 25.04
CA SER A 231 -3.03 2.46 25.00
C SER A 231 -2.51 1.10 24.41
N VAL A 232 -1.25 1.03 23.92
CA VAL A 232 -0.89 -0.11 23.18
C VAL A 232 0.54 -0.47 23.42
N GLU A 233 0.75 -1.76 23.26
CA GLU A 233 2.07 -2.26 23.12
C GLU A 233 2.46 -2.18 21.65
N MET A 234 3.38 -1.29 21.31
CA MET A 234 3.70 -1.05 19.93
C MET A 234 4.29 -2.29 19.17
N ASN A 235 5.05 -3.16 19.84
CA ASN A 235 5.53 -4.38 19.20
C ASN A 235 4.36 -5.23 18.70
N LEU A 236 3.24 -5.19 19.40
CA LEU A 236 2.08 -5.95 18.95
C LEU A 236 1.44 -5.34 17.72
N VAL A 237 1.33 -3.99 17.71
CA VAL A 237 0.77 -3.31 16.60
C VAL A 237 1.61 -3.59 15.33
N GLU A 238 2.93 -3.59 15.49
CA GLU A 238 3.83 -3.93 14.38
C GLU A 238 3.57 -5.37 13.89
N ARG A 239 3.52 -6.31 14.84
CA ARG A 239 3.33 -7.73 14.44
C ARG A 239 2.02 -7.93 13.76
N VAL A 240 0.97 -7.31 14.25
CA VAL A 240 -0.35 -7.49 13.59
C VAL A 240 -0.46 -6.83 12.18
N ALA A 241 0.12 -5.63 12.03
CA ALA A 241 0.22 -4.96 10.76
C ALA A 241 0.96 -5.81 9.73
N HIS A 242 2.07 -6.40 10.14
CA HIS A 242 2.93 -7.17 9.21
C HIS A 242 2.17 -8.47 8.79
N LEU A 243 1.43 -9.09 9.69
CA LEU A 243 0.69 -10.24 9.34
C LEU A 243 -0.49 -9.96 8.46
N ILE A 244 -1.30 -8.96 8.80
CA ILE A 244 -2.48 -8.68 7.97
C ILE A 244 -2.01 -8.19 6.59
N GLY A 245 -0.96 -7.40 6.63
CA GLY A 245 -0.44 -6.84 5.38
C GLY A 245 0.05 -7.91 4.42
N GLU A 246 0.78 -8.90 4.95
CA GLU A 246 1.27 -9.98 4.07
C GLU A 246 0.10 -10.70 3.40
N TYR A 247 -0.94 -10.97 4.21
CA TYR A 247 -2.15 -11.68 3.73
C TYR A 247 -2.83 -10.87 2.62
N PHE A 248 -2.91 -9.55 2.80
CA PHE A 248 -3.47 -8.68 1.80
C PHE A 248 -2.67 -8.82 0.50
N GLN A 249 -1.36 -8.85 0.60
CA GLN A 249 -0.55 -9.00 -0.66
C GLN A 249 -0.74 -10.39 -1.32
N VAL A 250 -0.79 -11.42 -0.52
CA VAL A 250 -1.09 -12.74 -1.06
C VAL A 250 -2.35 -12.77 -1.89
N GLN A 251 -3.46 -12.22 -1.35
CA GLN A 251 -4.69 -11.97 -2.15
C GLN A 251 -4.47 -11.19 -3.44
N ASP A 252 -3.75 -10.06 -3.37
CA ASP A 252 -3.45 -9.25 -4.56
C ASP A 252 -2.68 -10.07 -5.60
N ASP A 253 -1.73 -10.91 -5.16
CA ASP A 253 -0.96 -11.80 -6.04
C ASP A 253 -1.86 -12.83 -6.66
N VAL A 254 -2.77 -13.39 -5.88
CA VAL A 254 -3.69 -14.29 -6.48
C VAL A 254 -4.54 -13.57 -7.58
N MET A 255 -5.07 -12.41 -7.26
CA MET A 255 -5.92 -11.70 -8.21
C MET A 255 -5.19 -11.30 -9.48
N ASP A 256 -3.90 -10.94 -9.35
CA ASP A 256 -3.10 -10.54 -10.54
C ASP A 256 -3.19 -11.58 -11.65
N CYS A 257 -3.18 -12.85 -11.22
CA CYS A 257 -3.20 -13.99 -12.12
C CYS A 257 -4.62 -14.43 -12.49
N PHE A 258 -5.52 -14.49 -11.50
CA PHE A 258 -6.85 -15.15 -11.69
C PHE A 258 -8.11 -14.25 -11.85
N THR A 259 -7.98 -12.94 -11.65
CA THR A 259 -9.15 -12.03 -11.51
C THR A 259 -9.29 -11.36 -12.87
N PRO A 260 -10.47 -11.52 -13.55
CA PRO A 260 -10.65 -10.91 -14.88
C PRO A 260 -10.14 -9.47 -14.95
N PRO A 261 -9.46 -9.10 -16.06
CA PRO A 261 -8.96 -7.67 -16.20
C PRO A 261 -9.94 -6.53 -15.93
N GLU A 262 -11.18 -6.67 -16.39
CA GLU A 262 -12.24 -5.66 -16.14
C GLU A 262 -12.51 -5.50 -14.61
N GLN A 263 -12.46 -6.61 -13.87
CA GLN A 263 -12.64 -6.61 -12.43
C GLN A 263 -11.40 -6.07 -11.72
N LEU A 264 -10.24 -6.51 -12.19
CA LEU A 264 -8.94 -6.05 -11.66
C LEU A 264 -8.64 -4.52 -11.91
N GLY A 265 -9.23 -3.93 -12.96
CA GLY A 265 -8.89 -2.54 -13.37
C GLY A 265 -7.58 -2.44 -14.22
N LYS A 266 -7.00 -3.59 -14.57
CA LYS A 266 -5.77 -3.67 -15.35
C LYS A 266 -5.61 -5.12 -15.82
N VAL A 267 -4.66 -5.35 -16.72
CA VAL A 267 -4.26 -6.75 -17.13
C VAL A 267 -3.03 -7.05 -16.21
N GLY A 268 -3.15 -8.05 -15.36
CA GLY A 268 -2.02 -8.42 -14.51
C GLY A 268 -0.92 -9.00 -15.38
N THR A 269 0.32 -8.70 -15.05
CA THR A 269 1.50 -9.15 -15.80
C THR A 269 2.58 -9.69 -14.88
N ASP A 270 2.17 -10.22 -13.71
CA ASP A 270 3.19 -10.74 -12.80
C ASP A 270 4.03 -11.90 -13.34
N ILE A 271 3.37 -12.74 -14.13
CA ILE A 271 4.06 -13.86 -14.75
C ILE A 271 5.09 -13.35 -15.75
N GLU A 272 4.66 -12.47 -16.70
CA GLU A 272 5.58 -11.88 -17.72
C GLU A 272 6.74 -11.18 -17.03
N ASP A 273 6.41 -10.54 -15.89
CA ASP A 273 7.41 -9.74 -15.18
C ASP A 273 8.27 -10.54 -14.24
N ALA A 274 8.02 -11.85 -14.18
CA ALA A 274 8.76 -12.79 -13.29
C ALA A 274 8.74 -12.33 -11.85
N LYS A 275 7.58 -11.89 -11.41
CA LYS A 275 7.53 -11.42 -10.04
C LYS A 275 7.59 -12.59 -9.06
N CYS A 276 8.17 -12.30 -7.89
CA CYS A 276 8.22 -13.24 -6.83
C CYS A 276 6.88 -13.26 -6.08
N SER A 277 5.89 -13.90 -6.67
CA SER A 277 4.50 -13.84 -6.18
C SER A 277 4.26 -15.03 -5.27
N TRP A 278 3.21 -14.95 -4.44
CA TRP A 278 2.85 -16.06 -3.60
C TRP A 278 2.58 -17.38 -4.43
N LEU A 279 1.94 -17.20 -5.57
CA LEU A 279 1.69 -18.30 -6.44
C LEU A 279 2.98 -18.99 -6.84
N ALA A 280 3.95 -18.21 -7.31
CA ALA A 280 5.21 -18.83 -7.81
C ALA A 280 5.96 -19.52 -6.67
N VAL A 281 6.02 -18.83 -5.52
CA VAL A 281 6.70 -19.40 -4.35
C VAL A 281 6.04 -20.72 -3.91
N THR A 282 4.74 -20.64 -3.81
CA THR A 282 3.95 -21.77 -3.26
C THR A 282 4.05 -22.95 -4.27
N PHE A 283 3.96 -22.62 -5.56
CA PHE A 283 4.13 -23.62 -6.62
C PHE A 283 5.45 -24.34 -6.52
N LEU A 284 6.51 -23.56 -6.40
CA LEU A 284 7.85 -24.11 -6.33
C LEU A 284 8.08 -24.92 -5.04
N GLY A 285 7.32 -24.58 -4.01
CA GLY A 285 7.39 -25.31 -2.76
C GLY A 285 6.70 -26.65 -2.76
N LYS A 286 5.97 -26.97 -3.82
CA LYS A 286 5.32 -28.30 -3.81
C LYS A 286 5.52 -29.07 -5.12
N ALA A 287 6.14 -28.45 -6.11
CA ALA A 287 6.22 -29.02 -7.44
C ALA A 287 7.17 -30.18 -7.51
N ASN A 288 6.96 -31.11 -8.44
CA ASN A 288 8.02 -32.11 -8.67
C ASN A 288 9.05 -31.58 -9.65
N ALA A 289 10.09 -32.37 -9.94
CA ALA A 289 11.17 -31.93 -10.81
C ALA A 289 10.71 -31.54 -12.23
N ALA A 290 9.84 -32.34 -12.83
CA ALA A 290 9.30 -32.04 -14.20
C ALA A 290 8.54 -30.70 -14.22
N GLN A 291 7.72 -30.50 -13.20
CA GLN A 291 6.91 -29.28 -13.00
C GLN A 291 7.79 -28.01 -12.78
N VAL A 292 8.80 -28.11 -11.93
CA VAL A 292 9.80 -27.05 -11.75
C VAL A 292 10.40 -26.72 -13.12
N ALA A 293 10.80 -27.76 -13.86
CA ALA A 293 11.47 -27.53 -15.16
C ALA A 293 10.55 -26.84 -16.14
N GLU A 294 9.27 -27.19 -16.10
CA GLU A 294 8.33 -26.61 -17.02
C GLU A 294 8.02 -25.13 -16.64
N PHE A 295 8.00 -24.86 -15.34
CA PHE A 295 7.85 -23.46 -14.84
C PHE A 295 9.03 -22.68 -15.34
N LYS A 296 10.23 -23.19 -15.14
CA LYS A 296 11.44 -22.50 -15.53
C LYS A 296 11.41 -22.24 -17.03
N ALA A 297 10.91 -23.15 -17.86
CA ALA A 297 10.90 -22.91 -19.32
C ALA A 297 9.95 -21.81 -19.75
N ASN A 298 8.98 -21.42 -18.90
CA ASN A 298 7.87 -20.59 -19.27
C ASN A 298 7.72 -19.29 -18.47
N TYR A 299 8.39 -19.19 -17.30
CA TYR A 299 8.23 -17.99 -16.51
C TYR A 299 8.96 -16.78 -17.03
N GLY A 300 8.35 -15.61 -16.82
CA GLY A 300 9.07 -14.32 -17.01
C GLY A 300 9.22 -13.94 -18.52
N GLU A 301 8.24 -14.37 -19.33
CA GLU A 301 8.22 -14.22 -20.78
C GLU A 301 6.88 -13.65 -21.19
N LYS A 302 6.93 -12.70 -22.10
CA LYS A 302 5.70 -12.00 -22.57
C LYS A 302 4.81 -12.86 -23.50
N ASP A 303 5.39 -13.89 -24.10
CA ASP A 303 4.71 -14.78 -25.02
C ASP A 303 3.47 -15.35 -24.32
N PRO A 304 2.24 -15.08 -24.84
CA PRO A 304 1.01 -15.57 -24.21
C PRO A 304 0.90 -17.05 -24.04
N ALA A 305 1.52 -17.84 -24.93
CA ALA A 305 1.46 -19.32 -24.77
C ALA A 305 2.24 -19.74 -23.53
N LYS A 306 3.40 -19.10 -23.31
CA LYS A 306 4.22 -19.35 -22.10
C LYS A 306 3.52 -18.90 -20.82
N VAL A 307 2.87 -17.72 -20.87
CA VAL A 307 2.08 -17.27 -19.73
C VAL A 307 0.96 -18.31 -19.45
N ALA A 308 0.33 -18.82 -20.51
CA ALA A 308 -0.80 -19.73 -20.29
C ALA A 308 -0.32 -21.12 -19.81
N VAL A 309 0.91 -21.51 -20.14
CA VAL A 309 1.52 -22.71 -19.54
C VAL A 309 1.65 -22.51 -18.02
N VAL A 310 2.21 -21.37 -17.62
CA VAL A 310 2.37 -21.09 -16.17
C VAL A 310 1.02 -21.09 -15.44
N LYS A 311 0.03 -20.39 -15.98
CA LYS A 311 -1.31 -20.43 -15.35
C LYS A 311 -1.88 -21.84 -15.19
N ARG A 312 -1.51 -22.74 -16.09
CA ARG A 312 -2.05 -24.10 -16.07
C ARG A 312 -1.35 -24.95 -15.03
N LEU A 313 -0.04 -24.77 -14.95
CA LEU A 313 0.72 -25.37 -13.87
C LEU A 313 0.13 -24.92 -12.53
N TYR A 314 -0.21 -23.64 -12.43
CA TYR A 314 -0.81 -23.11 -11.17
C TYR A 314 -2.15 -23.81 -10.90
N SER A 315 -3.06 -23.78 -11.88
CA SER A 315 -4.37 -24.48 -11.81
C SER A 315 -4.23 -25.93 -11.39
N LYS A 316 -3.22 -26.63 -11.92
CA LYS A 316 -3.07 -28.07 -11.66
C LYS A 316 -2.43 -28.40 -10.34
N ALA A 317 -1.74 -27.46 -9.74
CA ALA A 317 -0.98 -27.76 -8.54
C ALA A 317 -1.84 -27.60 -7.30
N ASN A 318 -3.08 -27.15 -7.50
CA ASN A 318 -4.09 -27.07 -6.42
C ASN A 318 -3.64 -26.07 -5.34
N LEU A 319 -3.41 -24.84 -5.82
CA LEU A 319 -2.89 -23.76 -4.97
C LEU A 319 -3.99 -23.23 -4.05
N GLN A 320 -5.27 -23.32 -4.48
CA GLN A 320 -6.44 -23.12 -3.60
C GLN A 320 -6.28 -23.78 -2.25
N ALA A 321 -5.75 -25.01 -2.21
CA ALA A 321 -5.56 -25.75 -0.94
C ALA A 321 -4.51 -25.10 -0.06
N ASP A 322 -3.44 -24.64 -0.69
CA ASP A 322 -2.43 -24.03 0.05
C ASP A 322 -2.95 -22.67 0.54
N PHE A 323 -3.73 -21.92 -0.28
CA PHE A 323 -4.23 -20.59 0.14
C PHE A 323 -5.12 -20.77 1.36
N ALA A 324 -5.97 -21.80 1.32
CA ALA A 324 -6.86 -22.04 2.47
C ALA A 324 -6.05 -22.30 3.73
N ALA A 325 -4.96 -23.08 3.65
CA ALA A 325 -4.13 -23.37 4.81
C ALA A 325 -3.38 -22.11 5.29
N TYR A 326 -2.86 -21.34 4.33
CA TYR A 326 -2.18 -20.08 4.62
C TYR A 326 -3.18 -19.20 5.39
N GLU A 327 -4.37 -19.08 4.82
CA GLU A 327 -5.41 -18.24 5.36
C GLU A 327 -5.87 -18.64 6.77
N ALA A 328 -5.97 -19.93 7.01
CA ALA A 328 -6.37 -20.44 8.30
C ALA A 328 -5.28 -20.16 9.34
N GLU A 329 -4.04 -20.25 8.92
CA GLU A 329 -3.00 -19.85 9.83
C GLU A 329 -3.01 -18.33 10.19
N VAL A 330 -3.24 -17.47 9.22
CA VAL A 330 -3.30 -16.01 9.48
C VAL A 330 -4.48 -15.73 10.37
N VAL A 331 -5.60 -16.39 10.12
CA VAL A 331 -6.77 -16.24 11.02
C VAL A 331 -6.42 -16.60 12.46
N ARG A 332 -5.85 -17.78 12.73
CA ARG A 332 -5.26 -18.07 14.10
C ARG A 332 -4.41 -16.99 14.63
N GLU A 333 -3.47 -16.50 13.80
CA GLU A 333 -2.48 -15.56 14.32
C GLU A 333 -3.04 -14.13 14.60
N VAL A 334 -3.87 -13.69 13.67
CA VAL A 334 -4.54 -12.37 13.81
C VAL A 334 -5.42 -12.38 15.05
N GLU A 335 -6.22 -13.45 15.25
CA GLU A 335 -7.09 -13.55 16.43
C GLU A 335 -6.31 -13.51 17.72
N SER A 336 -5.17 -14.20 17.74
CA SER A 336 -4.24 -14.22 18.85
C SER A 336 -3.74 -12.79 19.21
N LEU A 337 -3.27 -12.07 18.21
CA LEU A 337 -2.76 -10.73 18.41
C LEU A 337 -3.85 -9.78 18.88
N ILE A 338 -5.04 -9.96 18.36
CA ILE A 338 -6.20 -9.15 18.76
C ILE A 338 -6.46 -9.38 20.24
N GLU A 339 -6.36 -10.63 20.67
CA GLU A 339 -6.52 -10.93 22.08
C GLU A 339 -5.52 -10.29 22.96
N GLN A 340 -4.29 -10.30 22.53
CA GLN A 340 -3.24 -9.67 23.27
C GLN A 340 -3.50 -8.13 23.32
N LEU A 341 -3.95 -7.55 22.20
CA LEU A 341 -4.20 -6.09 22.16
C LEU A 341 -5.28 -5.69 23.16
N LYS A 342 -6.20 -6.59 23.42
CA LYS A 342 -7.29 -6.31 24.39
C LYS A 342 -6.87 -6.08 25.81
N VAL A 343 -5.70 -6.54 26.23
CA VAL A 343 -5.25 -6.38 27.60
C VAL A 343 -5.19 -4.88 27.86
N LYS A 344 -4.51 -4.16 26.96
CA LYS A 344 -4.31 -2.70 27.14
C LYS A 344 -5.42 -1.84 26.49
N SER A 345 -6.02 -2.29 25.39
CA SER A 345 -7.06 -1.51 24.72
C SER A 345 -8.03 -2.27 23.93
N PRO A 346 -9.19 -2.56 24.55
CA PRO A 346 -10.30 -3.16 23.83
C PRO A 346 -10.70 -2.38 22.61
N THR A 347 -10.71 -1.05 22.77
CA THR A 347 -11.12 -0.16 21.71
C THR A 347 -10.20 -0.33 20.50
N PHE A 348 -8.92 -0.33 20.74
CA PHE A 348 -7.95 -0.38 19.62
C PHE A 348 -8.02 -1.81 19.04
N ALA A 349 -8.09 -2.82 19.93
CA ALA A 349 -8.29 -4.21 19.48
C ALA A 349 -9.45 -4.35 18.54
N GLU A 350 -10.53 -3.69 18.87
CA GLU A 350 -11.68 -3.76 18.00
C GLU A 350 -11.43 -3.05 16.69
N SER A 351 -10.68 -1.94 16.70
CA SER A 351 -10.37 -1.34 15.39
C SER A 351 -9.52 -2.27 14.51
N VAL A 352 -8.61 -2.96 15.16
CA VAL A 352 -7.81 -3.97 14.43
C VAL A 352 -8.70 -5.11 13.89
N ALA A 353 -9.70 -5.53 14.66
CA ALA A 353 -10.67 -6.49 14.19
C ALA A 353 -11.40 -6.06 12.92
N VAL A 354 -11.82 -4.78 12.86
CA VAL A 354 -12.45 -4.24 11.69
C VAL A 354 -11.52 -4.20 10.46
N VAL A 355 -10.28 -3.78 10.72
CA VAL A 355 -9.29 -3.76 9.65
C VAL A 355 -9.15 -5.17 9.05
N TRP A 356 -9.12 -6.14 9.93
CA TRP A 356 -8.90 -7.54 9.53
C TRP A 356 -10.09 -8.04 8.79
N GLU A 357 -11.28 -7.80 9.36
CA GLU A 357 -12.53 -8.20 8.66
C GLU A 357 -12.64 -7.62 7.26
N LYS A 358 -12.27 -6.33 7.07
CA LYS A 358 -12.30 -5.61 5.77
C LYS A 358 -11.28 -6.21 4.80
N THR A 359 -10.17 -6.70 5.31
CA THR A 359 -9.17 -7.34 4.49
C THR A 359 -9.60 -8.76 4.06
N HIS A 360 -10.19 -9.47 5.00
CA HIS A 360 -10.37 -10.94 4.96
C HIS A 360 -11.55 -11.20 4.03
N LYS A 361 -12.61 -10.40 4.11
CA LYS A 361 -13.83 -10.65 3.28
C LYS A 361 -13.75 -10.13 1.83
N ARG A 362 -13.19 -8.93 1.59
CA ARG A 362 -13.10 -8.35 0.23
C ARG A 362 -12.83 -9.39 -0.87
S SO4 B . -7.30 1.36 -2.05
O1 SO4 B . -8.48 1.18 -2.96
O2 SO4 B . -6.34 2.44 -2.57
O3 SO4 B . -6.51 0.10 -1.91
O4 SO4 B . -7.92 1.81 -0.74
S SO4 C . 1.31 28.10 6.27
O1 SO4 C . 2.74 28.44 6.07
O2 SO4 C . 0.70 28.66 5.00
O3 SO4 C . 0.61 28.67 7.46
O4 SO4 C . 1.24 26.67 6.62
C ACT D . 1.42 -15.15 18.11
O ACT D . 1.54 -14.16 17.38
OXT ACT D . 1.57 -15.09 19.38
CH3 ACT D . 1.06 -16.41 17.37
S SO4 E . -16.37 19.60 -5.58
O1 SO4 E . -17.45 20.63 -5.46
O2 SO4 E . -15.03 20.20 -5.47
O3 SO4 E . -16.50 18.95 -6.90
O4 SO4 E . -16.57 18.58 -4.50
ZN ZN F . 6.16 -2.17 -9.29
ZN ZN G . 0.02 -7.14 -7.61
N1 LVP H . 3.29 -21.57 1.08
C4 LVP H . 4.19 -19.29 1.30
C5 LVP H . 4.10 -19.28 2.70
C6 LVP H . 1.98 -21.59 1.61
C7 LVP H . 1.58 -22.90 2.14
C8 LVP H . 0.39 -23.28 2.73
N LVP H . 3.85 -20.45 0.46
C LVP H . 4.38 -18.07 3.40
O LVP H . 1.23 -20.60 1.68
C1 LVP H . 4.78 -16.94 2.64
C2 LVP H . 4.87 -17.01 1.31
C3 LVP H . 4.57 -18.15 0.64
C9 LVP H . 0.60 -24.68 3.06
F LVP H . 4.55 -18.16 -0.71
N2 LVP H . 1.83 -25.03 2.67
O1 LVP H . 2.43 -23.95 2.10
N1 LVP I . -16.25 15.85 -3.33
C4 LVP I . -17.64 16.76 -1.65
C5 LVP I . -16.91 15.97 -0.75
C6 LVP I . -16.26 14.55 -3.54
C7 LVP I . -15.01 13.86 -3.36
C8 LVP I . -14.75 12.58 -3.63
N LVP I . -17.48 16.48 -3.02
C LVP I . -16.99 16.22 0.58
O LVP I . -17.28 13.95 -3.76
C1 LVP I . -17.79 17.25 1.08
C2 LVP I . -18.57 18.00 0.26
C3 LVP I . -18.48 17.80 -1.09
C9 LVP I . -13.31 12.50 -3.47
F LVP I . -19.07 18.73 -1.83
N2 LVP I . -12.87 13.71 -3.06
O1 LVP I . -13.91 14.55 -2.98
#